data_5GWL
#
_entry.id   5GWL
#
loop_
_entity.id
_entity.type
_entity.pdbx_description
1 polymer "DNA (5'-D(*CP*CP*TP*GP*CP*CP*TP*G)-3')"
2 non-polymer 'SODIUM ION'
#
_entity_poly.entity_id   1
_entity_poly.type   'polydeoxyribonucleotide'
_entity_poly.pdbx_seq_one_letter_code
;(DC)(DC)(DT)(DG)(DC)(DC)(DT)(DG)
;
_entity_poly.pdbx_strand_id   A
#
loop_
_chem_comp.id
_chem_comp.type
_chem_comp.name
_chem_comp.formula
DC DNA linking 2'-DEOXYCYTIDINE-5'-MONOPHOSPHATE 'C9 H14 N3 O7 P'
DG DNA linking 2'-DEOXYGUANOSINE-5'-MONOPHOSPHATE 'C10 H14 N5 O7 P'
DT DNA linking THYMIDINE-5'-MONOPHOSPHATE 'C10 H15 N2 O8 P'
NA non-polymer 'SODIUM ION' 'Na 1'
#
# COMPACT_ATOMS: atom_id res chain seq x y z
NA NA B . 4.15 -5.10 4.48
NA NA C . -3.44 8.94 -5.57
NA NA D . 4.57 -9.66 -4.00
NA NA E . -0.25 -5.10 8.65
NA NA F . -2.05 0.07 -3.55
NA NA G . 1.24 5.70 4.09
NA NA H . -8.10 -0.82 -2.62
NA NA B . 2.43 -3.49 10.25
NA NA C . -2.84 9.28 -5.57
NA NA D . 2.26 -9.01 -0.19
NA NA E . 4.77 -4.84 4.28
NA NA F . -1.63 0.50 -3.70
NA NA G . 0.23 6.48 4.24
NA NA H . -7.72 -1.08 -3.51
NA NA B . 3.92 -5.08 4.91
NA NA C . -3.42 8.70 -6.40
NA NA D . 2.98 -7.77 -7.03
NA NA E . 1.58 5.93 3.71
NA NA F . -7.84 -0.81 -1.69
NA NA G . 2.60 -2.29 2.98
NA NA H . -2.78 0.51 -3.80
NA NA B . 3.53 -2.03 9.83
NA NA C . -1.64 3.55 -5.56
NA NA D . 2.57 -8.91 -0.22
NA NA E . 4.92 -4.64 4.17
NA NA F . -1.69 8.82 -5.68
NA NA G . 0.03 6.47 4.16
NA NA H . -1.66 0.12 -3.55
NA NA B . 0.77 -1.33 3.15
NA NA C . -0.14 8.03 -5.59
NA NA D . 4.22 -9.55 -4.94
NA NA E . 4.43 -2.75 4.49
NA NA F . -1.65 0.17 -1.39
NA NA G . -0.84 6.88 4.75
NA NA H . -4.25 0.83 -9.87
NA NA B . 3.59 -6.07 4.17
NA NA C . -5.28 9.45 -3.24
NA NA D . 4.34 -10.01 -4.43
NA NA E . 4.04 -2.41 4.66
NA NA F . -7.81 -0.93 -3.26
NA NA G . 0.91 6.21 3.96
NA NA H . -1.72 0.11 -3.95
NA NA B . 0.07 6.64 4.23
NA NA C . -2.10 8.77 -5.66
NA NA D . 2.29 -8.94 -0.29
NA NA E . 4.89 -4.70 4.05
NA NA F . -1.83 3.42 -5.44
NA NA G . 2.63 -3.09 10.01
NA NA H . -1.07 0.36 -3.50
NA NA B . 2.23 -2.54 9.94
NA NA C . -1.70 1.60 -7.07
NA NA D . 1.88 -9.00 -0.19
NA NA E . 4.79 -5.11 4.51
NA NA F . -0.63 7.77 -5.49
NA NA G . -0.20 6.70 4.68
NA NA H . -1.24 -0.33 -1.61
NA NA B . 4.69 -4.73 4.31
NA NA C . -5.12 9.43 -3.45
NA NA D . 3.58 -10.80 -3.48
NA NA E . 0.60 -4.71 8.77
NA NA F . -7.91 -1.07 -3.28
NA NA G . 0.91 6.22 3.85
NA NA H . -1.86 -0.06 -3.95
NA NA B . 4.17 -3.25 4.59
NA NA C . -4.50 9.56 -4.19
NA NA D . 3.98 -10.52 -4.44
NA NA E . 0.83 -1.28 3.12
NA NA F . -7.86 -0.91 -2.85
NA NA G . 0.84 6.38 3.86
NA NA H . -1.94 -0.07 -3.77
NA NA B . 4.38 -5.37 5.08
NA NA C . -2.45 3.07 -5.55
NA NA D . 2.37 -8.87 -0.20
NA NA E . -0.14 -4.87 8.93
NA NA F . -1.60 0.87 -2.65
NA NA G . 1.19 6.16 3.97
NA NA H . -4.34 8.95 -5.41
NA NA B . 5.05 -4.65 4.12
NA NA C . -1.80 8.71 -5.93
NA NA D . 2.55 -8.64 -0.36
NA NA E . 3.97 -1.03 8.10
NA NA F . -7.83 -1.08 -3.62
NA NA G . -0.20 6.58 4.83
NA NA H . -1.82 0.62 -3.33
NA NA B . 3.25 -2.53 2.21
NA NA C . -2.40 0.67 -4.05
NA NA D . 4.16 -6.26 -6.96
NA NA E . 4.22 -5.99 5.24
NA NA F . -4.74 9.45 -5.31
NA NA G . 0.67 6.65 3.63
NA NA H . -7.72 -1.19 -2.48
NA NA B . 4.15 -1.43 7.65
NA NA C . -0.78 4.35 -4.76
NA NA D . 4.54 -8.67 -5.91
NA NA E . 4.72 -4.99 3.94
NA NA F . -7.82 -1.13 -3.70
NA NA G . 0.23 6.38 4.39
NA NA H . -1.82 0.42 -3.32
NA NA B . 4.40 -5.08 4.44
NA NA C . -2.10 8.83 -5.63
NA NA D . 2.22 -9.21 -0.36
NA NA E . -0.05 -4.44 8.41
NA NA F . -1.77 3.41 -5.57
NA NA G . 0.02 6.70 4.26
NA NA H . -2.18 -2.06 -3.57
NA NA B . 5.04 -4.61 4.27
NA NA C . -1.42 8.65 -5.51
NA NA D . 2.43 -8.94 0.02
NA NA E . 1.37 -4.59 8.94
NA NA F . 0.52 0.91 -3.62
NA NA G . -0.24 6.66 4.54
NA NA H . -3.83 2.71 -9.55
NA NA B . 3.31 -4.32 9.36
NA NA C . -0.02 4.68 9.82
NA NA D . 1.35 -8.66 -0.24
NA NA E . -1.62 0.03 -3.59
NA NA F . -1.75 3.40 -5.52
NA NA G . 0.21 6.45 4.05
NA NA H . -1.88 8.55 -5.93
NA NA B . 4.43 -3.16 4.15
NA NA C . -2.30 7.77 -6.68
NA NA D . 4.10 -9.75 -5.45
NA NA E . 1.52 -1.99 2.32
NA NA F . -4.59 -0.76 -3.90
NA NA G . -0.20 6.62 4.27
NA NA H . -2.56 2.41 -4.18
NA NA B . 3.89 -4.52 4.65
NA NA C . -4.05 8.86 -5.57
NA NA D . 2.42 -9.01 -0.28
NA NA E . 1.07 6.27 4.05
NA NA F . -1.46 0.76 -2.77
NA NA G . 2.62 3.28 7.67
NA NA H . -2.41 3.02 -5.50
NA NA B . 3.96 -3.17 5.34
NA NA C . -6.15 9.37 -3.07
NA NA D . 4.48 -9.78 -5.05
NA NA E . 3.14 -6.77 5.03
NA NA F . -7.95 -0.95 -2.78
NA NA G . 0.97 6.30 3.60
NA NA H . -2.68 1.12 -2.34
#